data_6IF4
#
_entry.id   6IF4
#
_cell.length_a   29.389
_cell.length_b   34.274
_cell.length_c   37.470
_cell.angle_alpha   113.580
_cell.angle_beta   100.530
_cell.angle_gamma   102.900
#
_symmetry.space_group_name_H-M   'P 1'
#
loop_
_entity.id
_entity.type
_entity.pdbx_description
1 polymer 'Histone acetyltransferase'
2 water water
#
_entity_poly.entity_id   1
_entity_poly.type   'polypeptide(L)'
_entity_poly.pdbx_seq_one_letter_code
;MVMFEVRQKVYATLHETFHAAIIQEVAHDAHTGQLLYYVHYVEQDSRMDRWLPGSALRERRQGLEHHHHHH
;
_entity_poly.pdbx_strand_id   B,A
#
# COMPACT_ATOMS: atom_id res chain seq x y z
N MET A 1 3.33 9.11 6.96
CA MET A 1 3.51 8.04 5.99
C MET A 1 4.96 7.99 5.52
N VAL A 2 5.21 7.08 4.60
CA VAL A 2 6.46 7.03 3.84
C VAL A 2 6.25 7.85 2.57
N MET A 3 7.24 8.64 2.21
CA MET A 3 7.19 9.39 0.98
C MET A 3 8.10 8.73 -0.05
N PHE A 4 7.78 8.93 -1.32
CA PHE A 4 8.51 8.31 -2.40
C PHE A 4 9.09 9.36 -3.34
N GLU A 5 10.15 9.00 -4.04
CA GLU A 5 10.88 9.92 -4.90
C GLU A 5 10.91 9.42 -6.34
N VAL A 6 11.15 10.37 -7.25
CA VAL A 6 11.32 10.03 -8.66
C VAL A 6 12.52 9.11 -8.82
N ARG A 7 12.37 8.09 -9.66
CA ARG A 7 13.33 7.04 -10.02
C ARG A 7 13.37 5.93 -8.98
N GLN A 8 12.63 6.03 -7.89
CA GLN A 8 12.61 4.96 -6.90
C GLN A 8 11.91 3.72 -7.45
N LYS A 9 12.51 2.56 -7.19
CA LYS A 9 11.89 1.29 -7.46
C LYS A 9 10.84 1.01 -6.40
N VAL A 10 9.62 0.66 -6.81
CA VAL A 10 8.53 0.41 -5.89
C VAL A 10 7.71 -0.78 -6.39
N TYR A 11 6.81 -1.23 -5.53
CA TYR A 11 5.70 -2.09 -5.92
C TYR A 11 4.45 -1.23 -5.94
N ALA A 12 3.65 -1.36 -6.99
CA ALA A 12 2.45 -0.56 -7.15
C ALA A 12 1.29 -1.49 -7.43
N THR A 13 0.15 -1.24 -6.78
CA THR A 13 -1.03 -2.04 -7.06
C THR A 13 -1.55 -1.74 -8.46
N LEU A 14 -1.94 -2.77 -9.17
CA LEU A 14 -2.60 -2.51 -10.45
C LEU A 14 -3.88 -3.28 -10.25
N HIS A 15 -4.89 -2.55 -9.80
CA HIS A 15 -6.18 -3.14 -9.36
C HIS A 15 -5.90 -3.95 -8.10
N GLU A 16 -5.86 -5.28 -8.13
CA GLU A 16 -5.68 -5.97 -6.83
C GLU A 16 -4.38 -6.76 -6.78
N THR A 17 -3.40 -6.37 -7.57
CA THR A 17 -2.19 -7.17 -7.56
C THR A 17 -0.99 -6.24 -7.56
N PHE A 18 0.03 -6.58 -6.78
CA PHE A 18 1.23 -5.76 -6.69
C PHE A 18 2.15 -6.05 -7.86
N HIS A 19 2.61 -5.01 -8.54
CA HIS A 19 3.51 -5.14 -9.66
C HIS A 19 4.75 -4.29 -9.42
N ALA A 20 5.91 -4.80 -9.82
CA ALA A 20 7.12 -3.99 -9.82
C ALA A 20 6.93 -2.76 -10.70
N ALA A 21 7.36 -1.61 -10.20
CA ALA A 21 7.17 -0.35 -10.92
C ALA A 21 8.28 0.61 -10.56
N ILE A 22 8.28 1.76 -11.23
CA ILE A 22 9.22 2.84 -10.94
C ILE A 22 8.46 4.15 -11.02
N ILE A 23 8.86 5.10 -10.19
CA ILE A 23 8.22 6.40 -10.14
C ILE A 23 8.88 7.31 -11.17
N GLN A 24 8.09 7.77 -12.13
CA GLN A 24 8.57 8.64 -13.19
C GLN A 24 8.42 10.13 -12.85
N GLU A 25 7.43 10.48 -12.03
CA GLU A 25 7.16 11.87 -11.73
C GLU A 25 6.41 11.94 -10.40
N VAL A 26 6.59 13.07 -9.71
CA VAL A 26 5.88 13.38 -8.47
C VAL A 26 5.18 14.72 -8.67
N ALA A 27 3.95 14.84 -8.13
CA ALA A 27 3.19 16.07 -8.24
C ALA A 27 2.28 16.23 -7.03
N HIS A 28 2.11 17.48 -6.61
CA HIS A 28 1.25 17.82 -5.48
C HIS A 28 -0.15 18.07 -5.97
N ASP A 29 -1.11 17.33 -5.43
CA ASP A 29 -2.52 17.58 -5.74
C ASP A 29 -2.98 18.79 -4.93
N ALA A 30 -3.10 19.93 -5.60
CA ALA A 30 -3.44 21.18 -4.92
C ALA A 30 -4.75 21.05 -4.15
N HIS A 31 -5.78 20.53 -4.80
CA HIS A 31 -7.11 20.48 -4.20
C HIS A 31 -7.12 19.64 -2.92
N THR A 32 -6.29 18.61 -2.81
CA THR A 32 -6.32 17.74 -1.66
C THR A 32 -5.01 17.73 -0.87
N GLY A 33 -4.02 18.52 -1.29
CA GLY A 33 -2.73 18.54 -0.62
C GLY A 33 -1.90 17.27 -0.67
N GLN A 34 -2.50 16.14 -1.02
CA GLN A 34 -1.79 14.87 -1.10
C GLN A 34 -0.78 14.88 -2.24
N LEU A 35 0.31 14.12 -2.06
CA LEU A 35 1.33 13.95 -3.07
C LEU A 35 0.97 12.75 -3.95
N LEU A 36 1.08 12.92 -5.27
CA LEU A 36 0.73 11.89 -6.23
C LEU A 36 1.96 11.50 -7.06
N TYR A 37 2.01 10.22 -7.41
CA TYR A 37 3.16 9.64 -8.10
C TYR A 37 2.72 9.04 -9.43
N TYR A 38 3.43 9.40 -10.50
CA TYR A 38 3.19 8.81 -11.81
C TYR A 38 4.09 7.59 -11.95
N VAL A 39 3.49 6.40 -11.90
CA VAL A 39 4.25 5.17 -11.88
C VAL A 39 4.23 4.55 -13.27
N HIS A 40 5.34 3.92 -13.64
CA HIS A 40 5.43 3.11 -14.84
C HIS A 40 5.58 1.67 -14.41
N TYR A 41 4.70 0.77 -14.85
CA TYR A 41 4.79 -0.66 -14.48
C TYR A 41 5.90 -1.28 -15.32
N VAL A 42 6.89 -1.82 -14.63
CA VAL A 42 8.15 -2.25 -15.32
C VAL A 42 7.95 -3.25 -16.46
N GLU A 43 7.05 -4.19 -16.38
CA GLU A 43 6.99 -5.12 -17.53
C GLU A 43 5.69 -4.96 -18.26
N GLN A 44 5.17 -3.75 -18.28
CA GLN A 44 3.93 -3.52 -19.00
C GLN A 44 4.14 -2.36 -19.96
N ASP A 45 3.24 -2.24 -20.92
CA ASP A 45 3.27 -1.11 -21.83
C ASP A 45 2.94 0.16 -21.06
N SER A 46 3.51 1.27 -21.54
CA SER A 46 3.16 2.58 -21.03
C SER A 46 1.66 2.84 -20.91
N ARG A 47 0.80 2.22 -21.71
CA ARG A 47 -0.62 2.57 -21.71
C ARG A 47 -1.12 2.49 -20.26
N MET A 48 -0.53 1.55 -19.49
CA MET A 48 -0.94 1.29 -18.12
C MET A 48 -0.38 2.27 -17.11
N ASP A 49 0.58 3.12 -17.49
CA ASP A 49 1.10 4.13 -16.58
C ASP A 49 -0.05 4.98 -16.03
N ARG A 50 0.02 5.30 -14.74
CA ARG A 50 -1.07 5.99 -14.08
C ARG A 50 -0.51 6.80 -12.90
N TRP A 51 -1.22 7.86 -12.56
CA TRP A 51 -0.99 8.56 -11.30
C TRP A 51 -1.63 7.77 -10.16
N LEU A 52 -0.88 7.58 -9.08
CA LEU A 52 -1.38 6.82 -7.93
C LEU A 52 -1.03 7.54 -6.65
N PRO A 53 -1.86 7.40 -5.61
CA PRO A 53 -1.50 7.91 -4.30
C PRO A 53 -0.50 6.99 -3.62
N GLY A 54 0.09 7.49 -2.51
CA GLY A 54 1.07 6.70 -1.79
C GLY A 54 0.51 5.43 -1.23
N SER A 55 -0.81 5.39 -0.97
CA SER A 55 -1.44 4.21 -0.41
C SER A 55 -1.38 3.00 -1.33
N ALA A 56 -1.09 3.21 -2.61
CA ALA A 56 -1.00 2.14 -3.59
C ALA A 56 0.41 1.62 -3.79
N LEU A 57 1.39 2.14 -3.05
CA LEU A 57 2.79 1.86 -3.29
C LEU A 57 3.44 1.18 -2.08
N ARG A 58 4.50 0.45 -2.35
CA ARG A 58 5.36 -0.17 -1.36
C ARG A 58 6.80 -0.03 -1.82
N GLU A 59 7.72 0.08 -0.86
CA GLU A 59 9.13 0.03 -1.20
C GLU A 59 9.46 -1.31 -1.85
N ARG A 60 10.41 -1.31 -2.79
CA ARG A 60 10.84 -2.53 -3.51
C ARG A 60 12.35 -2.67 -3.37
N ARG A 61 12.82 -3.80 -2.84
CA ARG A 61 14.28 -4.01 -2.62
C ARG A 61 14.73 -5.41 -3.05
N VAL B 2 -4.46 -18.51 8.17
CA VAL B 2 -5.56 -17.57 8.38
C VAL B 2 -5.55 -16.47 7.33
N MET B 3 -6.72 -16.22 6.74
CA MET B 3 -6.90 -15.12 5.80
C MET B 3 -7.76 -14.02 6.39
N PHE B 4 -7.54 -12.81 5.90
CA PHE B 4 -8.29 -11.64 6.32
C PHE B 4 -8.96 -11.00 5.11
N GLU B 5 -10.05 -10.27 5.38
CA GLU B 5 -10.87 -9.69 4.32
C GLU B 5 -10.98 -8.18 4.49
N VAL B 6 -11.31 -7.50 3.39
CA VAL B 6 -11.54 -6.06 3.45
C VAL B 6 -12.69 -5.77 4.39
N ARG B 7 -12.50 -4.78 5.26
CA ARG B 7 -13.42 -4.28 6.30
C ARG B 7 -13.36 -5.14 7.57
N GLN B 8 -12.57 -6.22 7.59
CA GLN B 8 -12.46 -7.03 8.78
C GLN B 8 -11.73 -6.27 9.89
N LYS B 9 -12.27 -6.35 11.10
CA LYS B 9 -11.59 -5.80 12.28
C LYS B 9 -10.47 -6.73 12.69
N VAL B 10 -9.28 -6.16 12.91
CA VAL B 10 -8.09 -6.93 13.25
C VAL B 10 -7.30 -6.16 14.31
N TYR B 11 -6.29 -6.82 14.85
CA TYR B 11 -5.21 -6.18 15.58
C TYR B 11 -3.98 -6.19 14.70
N ALA B 12 -3.29 -5.06 14.62
CA ALA B 12 -2.12 -4.93 13.78
C ALA B 12 -0.96 -4.36 14.59
N THR B 13 0.22 -4.93 14.38
CA THR B 13 1.39 -4.40 15.05
C THR B 13 1.74 -3.03 14.49
N LEU B 14 2.27 -2.18 15.36
CA LEU B 14 2.74 -0.86 14.95
C LEU B 14 3.80 -0.47 15.98
N HIS B 15 5.06 -0.52 15.58
CA HIS B 15 6.18 -0.29 16.50
C HIS B 15 6.09 -1.25 17.68
N GLU B 16 6.03 -2.54 17.34
CA GLU B 16 6.04 -3.66 18.29
C GLU B 16 4.88 -3.61 19.28
N THR B 17 3.77 -2.97 18.91
CA THR B 17 2.59 -2.93 19.75
C THR B 17 1.35 -3.22 18.92
N PHE B 18 0.44 -4.01 19.47
CA PHE B 18 -0.79 -4.36 18.76
C PHE B 18 -1.82 -3.24 18.97
N HIS B 19 -2.39 -2.76 17.87
CA HIS B 19 -3.42 -1.72 17.92
C HIS B 19 -4.63 -2.19 17.13
N ALA B 20 -5.82 -1.83 17.61
CA ALA B 20 -7.03 -2.09 16.83
C ALA B 20 -6.93 -1.44 15.45
N ALA B 21 -7.33 -2.18 14.43
CA ALA B 21 -7.20 -1.72 13.06
C ALA B 21 -8.31 -2.33 12.21
N ILE B 22 -8.36 -1.91 10.95
CA ILE B 22 -9.30 -2.43 9.97
C ILE B 22 -8.54 -2.59 8.66
N ILE B 23 -8.91 -3.59 7.89
CA ILE B 23 -8.26 -3.84 6.61
C ILE B 23 -8.98 -3.04 5.52
N GLN B 24 -8.24 -2.15 4.87
CA GLN B 24 -8.80 -1.30 3.83
C GLN B 24 -8.74 -1.93 2.46
N GLU B 25 -7.71 -2.74 2.20
CA GLU B 25 -7.48 -3.29 0.88
C GLU B 25 -6.69 -4.59 1.03
N VAL B 26 -6.87 -5.47 0.06
CA VAL B 26 -6.10 -6.70 -0.04
C VAL B 26 -5.46 -6.72 -1.42
N ALA B 27 -4.20 -7.16 -1.48
CA ALA B 27 -3.50 -7.24 -2.75
C ALA B 27 -2.52 -8.40 -2.71
N HIS B 28 -2.44 -9.10 -3.83
CA HIS B 28 -1.50 -10.24 -3.96
C HIS B 28 -0.16 -9.71 -4.47
N ASP B 29 0.91 -9.86 -3.70
CA ASP B 29 2.28 -9.55 -4.09
C ASP B 29 2.70 -10.57 -5.13
N ALA B 30 2.79 -10.15 -6.39
CA ALA B 30 3.01 -11.07 -7.51
C ALA B 30 4.22 -11.96 -7.28
N HIS B 31 5.36 -11.38 -6.91
CA HIS B 31 6.61 -12.14 -6.88
C HIS B 31 6.60 -13.32 -5.93
N THR B 32 5.92 -13.23 -4.79
CA THR B 32 5.94 -14.35 -3.84
C THR B 32 4.54 -14.91 -3.58
N GLY B 33 3.52 -14.43 -4.31
CA GLY B 33 2.14 -14.85 -4.13
C GLY B 33 1.48 -14.46 -2.83
N GLN B 34 2.25 -13.99 -1.84
CA GLN B 34 1.73 -13.64 -0.52
C GLN B 34 0.67 -12.52 -0.58
N LEU B 35 -0.36 -12.64 0.23
CA LEU B 35 -1.38 -11.58 0.37
C LEU B 35 -0.82 -10.50 1.31
N LEU B 36 -0.97 -9.25 0.91
CA LEU B 36 -0.62 -8.08 1.74
C LEU B 36 -1.90 -7.28 1.97
N TYR B 37 -1.97 -6.70 3.14
CA TYR B 37 -3.17 -6.00 3.60
C TYR B 37 -2.82 -4.55 3.89
N TYR B 38 -3.63 -3.64 3.36
CA TYR B 38 -3.49 -2.22 3.67
C TYR B 38 -4.37 -1.95 4.88
N VAL B 39 -3.75 -1.74 6.03
CA VAL B 39 -4.47 -1.64 7.29
C VAL B 39 -4.58 -0.18 7.67
N HIS B 40 -5.70 0.18 8.27
CA HIS B 40 -5.90 1.48 8.88
C HIS B 40 -6.03 1.30 10.38
N TYR B 41 -5.20 2.01 11.14
CA TYR B 41 -5.29 1.94 12.59
C TYR B 41 -6.46 2.80 13.02
N VAL B 42 -7.36 2.18 13.78
CA VAL B 42 -8.66 2.77 14.08
C VAL B 42 -8.54 4.08 14.84
N GLU B 43 -7.54 4.20 15.71
CA GLU B 43 -7.33 5.41 16.49
C GLU B 43 -6.05 6.14 16.09
N GLN B 44 -5.70 6.05 14.81
CA GLN B 44 -4.63 6.85 14.24
C GLN B 44 -5.08 7.51 12.95
N ASP B 45 -4.35 8.56 12.57
CA ASP B 45 -4.60 9.24 11.31
C ASP B 45 -4.28 8.32 10.13
N SER B 46 -4.98 8.55 9.01
CA SER B 46 -4.70 7.84 7.76
C SER B 46 -3.22 7.81 7.42
N ARG B 47 -2.46 8.84 7.81
CA ARG B 47 -1.02 8.85 7.57
C ARG B 47 -0.32 7.58 8.07
N MET B 48 -0.84 6.98 9.14
CA MET B 48 -0.23 5.79 9.71
C MET B 48 -0.60 4.51 8.97
N ASP B 49 -1.49 4.60 8.02
CA ASP B 49 -1.91 3.44 7.21
C ASP B 49 -0.70 2.80 6.54
N ARG B 50 -0.71 1.49 6.46
CA ARG B 50 0.42 0.81 5.81
C ARG B 50 0.08 -0.58 5.33
N TRP B 51 0.92 -1.05 4.43
CA TRP B 51 0.82 -2.41 3.93
C TRP B 51 1.53 -3.35 4.89
N LEU B 52 0.85 -4.44 5.28
CA LEU B 52 1.44 -5.40 6.20
C LEU B 52 1.16 -6.81 5.74
N PRO B 53 2.05 -7.75 6.02
CA PRO B 53 1.76 -9.17 5.78
C PRO B 53 0.86 -9.71 6.88
N GLY B 54 0.34 -10.92 6.63
CA GLY B 54 -0.53 -11.56 7.60
C GLY B 54 0.13 -11.81 8.94
N SER B 55 1.47 -11.97 8.94
CA SER B 55 2.20 -12.24 10.18
C SER B 55 2.12 -11.09 11.17
N ALA B 56 1.72 -9.90 10.72
CA ALA B 56 1.59 -8.75 11.61
C ALA B 56 0.16 -8.56 12.12
N LEU B 57 -0.76 -9.44 11.77
CA LEU B 57 -2.18 -9.24 12.05
C LEU B 57 -2.72 -10.35 12.95
N ARG B 58 -3.78 -10.00 13.68
CA ARG B 58 -4.54 -10.93 14.49
C ARG B 58 -6.02 -10.62 14.31
N GLU B 59 -6.84 -11.65 14.38
CA GLU B 59 -8.28 -11.44 14.41
C GLU B 59 -8.63 -10.59 15.63
N ARG B 60 -9.71 -9.81 15.49
CA ARG B 60 -10.21 -8.97 16.59
C ARG B 60 -11.72 -9.17 16.73
N ARG B 61 -12.15 -9.80 17.81
CA ARG B 61 -13.59 -10.01 18.11
C ARG B 61 -13.71 -10.48 19.56
#